data_6L5H
#
_entry.id   6L5H
#
_cell.length_a   139.088
_cell.length_b   32.162
_cell.length_c   36.997
_cell.angle_alpha   90.000
_cell.angle_beta   96.170
_cell.angle_gamma   90.000
#
_symmetry.space_group_name_H-M   'C 1 2 1'
#
loop_
_entity.id
_entity.type
_entity.pdbx_description
1 polymer Rootletin
2 water water
#
_entity_poly.entity_id   1
_entity_poly.type   'polypeptide(L)'
_entity_poly.pdbx_seq_one_letter_code
;GA(MSE)ESTVNALTSELRDLRAQREEAAAAHAQEVRRLQEQARDLGKQRDSCLREAEELRTQLRLLEDARDGLRRELLE
AQRKLRESQEGREVQRQEAGEW
;
_entity_poly.pdbx_strand_id   A,B
#
# COMPACT_ATOMS: atom_id res chain seq x y z
N MSE A 3 -2.76 58.62 16.20
CA MSE A 3 -1.64 58.40 17.10
C MSE A 3 -0.49 57.64 16.44
O MSE A 3 -0.69 56.83 15.55
CB MSE A 3 -2.09 57.66 18.36
CG MSE A 3 -2.57 58.56 19.48
SE MSE A 3 -1.23 59.86 20.05
CE MSE A 3 0.22 58.65 20.50
N GLU A 4 0.73 57.91 16.91
CA GLU A 4 1.87 57.10 16.49
C GLU A 4 1.88 55.75 17.18
N SER A 5 1.29 55.66 18.38
CA SER A 5 1.23 54.39 19.09
C SER A 5 0.37 53.38 18.35
N THR A 6 -0.74 53.83 17.75
CA THR A 6 -1.60 52.89 17.04
C THR A 6 -1.00 52.49 15.69
N VAL A 7 -0.36 53.42 14.98
CA VAL A 7 0.26 53.09 13.71
C VAL A 7 1.44 52.13 13.94
N ASN A 8 2.27 52.41 14.92
CA ASN A 8 3.44 51.56 15.16
C ASN A 8 3.04 50.20 15.72
N ALA A 9 1.97 50.14 16.52
CA ALA A 9 1.46 48.84 16.96
C ALA A 9 1.01 47.99 15.77
N LEU A 10 0.32 48.61 14.82
CA LEU A 10 -0.14 47.85 13.65
C LEU A 10 1.03 47.43 12.77
N THR A 11 2.03 48.30 12.60
CA THR A 11 3.21 47.92 11.84
C THR A 11 3.93 46.73 12.49
N SER A 12 4.04 46.73 13.82
CA SER A 12 4.68 45.61 14.52
C SER A 12 3.87 44.33 14.34
N GLU A 13 2.56 44.42 14.52
CA GLU A 13 1.71 43.24 14.35
C GLU A 13 1.79 42.70 12.93
N LEU A 14 1.90 43.59 11.95
CA LEU A 14 1.99 43.20 10.55
C LEU A 14 3.28 42.44 10.28
N ARG A 15 4.41 42.92 10.80
CA ARG A 15 5.65 42.18 10.60
C ARG A 15 5.55 40.78 11.21
N ASP A 16 4.94 40.68 12.39
CA ASP A 16 4.79 39.37 13.03
C ASP A 16 3.89 38.45 12.20
N LEU A 17 2.77 38.97 11.70
CA LEU A 17 1.84 38.13 10.95
C LEU A 17 2.43 37.69 9.61
N ARG A 18 3.21 38.54 8.96
CA ARG A 18 3.86 38.10 7.71
C ARG A 18 4.88 37.01 7.99
N ALA A 19 5.64 37.15 9.08
CA ALA A 19 6.60 36.11 9.45
C ALA A 19 5.89 34.79 9.72
N GLN A 20 4.76 34.86 10.43
CA GLN A 20 3.98 33.67 10.74
C GLN A 20 3.42 33.02 9.48
N ARG A 21 3.00 33.83 8.50
CA ARG A 21 2.51 33.29 7.24
C ARG A 21 3.59 32.45 6.54
N GLU A 22 4.82 32.97 6.50
CA GLU A 22 5.89 32.24 5.81
C GLU A 22 6.24 30.97 6.56
N GLU A 23 6.31 31.06 7.87
CA GLU A 23 6.62 29.89 8.70
C GLU A 23 5.53 28.83 8.56
N ALA A 24 4.26 29.26 8.55
CA ALA A 24 3.15 28.32 8.42
C ALA A 24 3.14 27.67 7.05
N ALA A 25 3.47 28.41 5.99
CA ALA A 25 3.47 27.80 4.66
C ALA A 25 4.51 26.68 4.60
N ALA A 26 5.68 26.92 5.18
CA ALA A 26 6.71 25.87 5.20
C ALA A 26 6.29 24.71 6.09
N ALA A 27 5.69 25.00 7.25
CA ALA A 27 5.26 23.94 8.16
C ALA A 27 4.20 23.08 7.50
N HIS A 28 3.22 23.71 6.86
CA HIS A 28 2.18 22.97 6.17
C HIS A 28 2.78 22.09 5.08
N ALA A 29 3.72 22.65 4.29
CA ALA A 29 4.32 21.85 3.23
C ALA A 29 5.09 20.66 3.79
N GLN A 30 5.81 20.85 4.89
CA GLN A 30 6.55 19.75 5.51
C GLN A 30 5.60 18.66 5.97
N GLU A 31 4.48 19.05 6.59
CA GLU A 31 3.54 18.07 7.10
C GLU A 31 2.90 17.28 5.98
N VAL A 32 2.47 17.98 4.91
CA VAL A 32 1.90 17.29 3.76
C VAL A 32 2.92 16.36 3.14
N ARG A 33 4.17 16.80 3.04
CA ARG A 33 5.21 15.97 2.43
C ARG A 33 5.41 14.68 3.22
N ARG A 34 5.44 14.82 4.52
CA ARG A 34 5.52 13.63 5.41
CA ARG A 34 5.52 13.63 5.41
C ARG A 34 4.34 12.60 5.28
N LEU A 35 3.15 13.18 5.17
CA LEU A 35 1.96 12.34 4.99
C LEU A 35 1.95 11.69 3.61
N GLN A 36 2.34 12.44 2.58
CA GLN A 36 2.43 11.86 1.24
C GLN A 36 3.45 10.72 1.20
N GLU A 37 4.55 10.84 1.92
CA GLU A 37 5.56 9.76 1.96
C GLU A 37 4.98 8.57 2.67
N GLN A 38 4.27 8.79 3.73
CA GLN A 38 3.64 7.67 4.42
C GLN A 38 2.69 6.91 3.50
N ALA A 39 1.88 7.65 2.73
CA ALA A 39 0.95 7.00 1.80
C ALA A 39 1.71 6.24 0.73
N ARG A 40 2.82 6.80 0.24
CA ARG A 40 3.63 6.06 -0.74
C ARG A 40 4.21 4.78 -0.14
N ASP A 41 4.74 4.86 1.09
CA ASP A 41 5.29 3.68 1.77
C ASP A 41 4.23 2.59 1.87
N LEU A 42 3.07 2.94 2.40
CA LEU A 42 2.01 1.97 2.58
C LEU A 42 1.52 1.43 1.25
N GLY A 43 1.48 2.27 0.21
CA GLY A 43 1.04 1.79 -1.09
C GLY A 43 2.01 0.80 -1.70
N LYS A 44 3.31 1.03 -1.52
CA LYS A 44 4.29 0.07 -2.00
C LYS A 44 4.19 -1.24 -1.24
N GLN A 45 3.92 -1.16 0.07
CA GLN A 45 3.71 -2.38 0.85
C GLN A 45 2.51 -3.15 0.31
N ARG A 46 1.43 -2.44 0.05
CA ARG A 46 0.21 -3.06 -0.50
C ARG A 46 0.55 -3.69 -1.86
N ASP A 47 1.24 -2.96 -2.73
CA ASP A 47 1.56 -3.46 -4.07
C ASP A 47 2.41 -4.71 -4.00
N SER A 48 3.39 -4.73 -3.10
CA SER A 48 4.26 -5.89 -3.01
C SER A 48 3.48 -7.12 -2.58
N CYS A 49 2.52 -6.96 -1.67
CA CYS A 49 1.69 -8.10 -1.32
C CYS A 49 0.81 -8.54 -2.49
N LEU A 50 0.26 -7.58 -3.24
CA LEU A 50 -0.55 -7.93 -4.41
C LEU A 50 0.27 -8.75 -5.41
N ARG A 51 1.53 -8.36 -5.62
CA ARG A 51 2.40 -9.10 -6.52
C ARG A 51 2.64 -10.52 -6.00
N GLU A 52 2.93 -10.65 -4.70
CA GLU A 52 3.14 -11.98 -4.13
C GLU A 52 1.90 -12.85 -4.31
N ALA A 53 0.71 -12.28 -4.07
CA ALA A 53 -0.53 -13.04 -4.20
C ALA A 53 -0.75 -13.49 -5.65
N GLU A 54 -0.46 -12.61 -6.61
CA GLU A 54 -0.57 -12.99 -8.02
C GLU A 54 0.37 -14.14 -8.36
N GLU A 55 1.63 -14.04 -7.89
CA GLU A 55 2.61 -15.08 -8.16
C GLU A 55 2.19 -16.40 -7.53
N LEU A 56 1.61 -16.36 -6.33
CA LEU A 56 1.11 -17.57 -5.68
C LEU A 56 -0.05 -18.17 -6.45
N ARG A 57 -0.98 -17.34 -6.92
CA ARG A 57 -2.11 -17.86 -7.67
C ARG A 57 -1.66 -18.52 -8.97
N THR A 58 -0.65 -17.92 -9.60
CA THR A 58 -0.09 -18.49 -10.83
C THR A 58 0.50 -19.86 -10.56
N GLN A 59 1.32 -19.97 -9.51
CA GLN A 59 1.92 -21.24 -9.18
C GLN A 59 0.87 -22.28 -8.80
N LEU A 60 -0.17 -21.87 -8.09
CA LEU A 60 -1.22 -22.82 -7.73
C LEU A 60 -1.88 -23.40 -8.98
N ARG A 61 -2.15 -22.56 -9.99
CA ARG A 61 -2.75 -23.08 -11.23
C ARG A 61 -1.80 -24.03 -11.94
N LEU A 62 -0.53 -23.64 -12.08
CA LEU A 62 0.43 -24.51 -12.76
C LEU A 62 0.56 -25.84 -12.05
N LEU A 63 0.65 -25.82 -10.72
CA LEU A 63 0.89 -27.05 -9.99
C LEU A 63 -0.36 -27.91 -9.87
N GLU A 64 -1.56 -27.34 -9.90
CA GLU A 64 -2.74 -28.20 -9.96
CA GLU A 64 -2.75 -28.29 -10.00
C GLU A 64 -2.80 -28.96 -11.27
N ASP A 65 -2.48 -28.28 -12.39
CA ASP A 65 -2.39 -28.97 -13.68
C ASP A 65 -1.40 -30.14 -13.60
N ALA A 66 -0.23 -29.86 -13.02
CA ALA A 66 0.81 -30.89 -12.99
C ALA A 66 0.42 -32.06 -12.09
N ARG A 67 -0.13 -31.76 -10.91
CA ARG A 67 -0.61 -32.78 -9.99
C ARG A 67 -1.63 -33.69 -10.65
N ASP A 68 -2.61 -33.09 -11.33
CA ASP A 68 -3.70 -33.87 -11.89
C ASP A 68 -3.19 -34.77 -13.01
N GLY A 69 -2.27 -34.23 -13.83
CA GLY A 69 -1.70 -35.05 -14.90
C GLY A 69 -0.85 -36.19 -14.36
N LEU A 70 -0.04 -35.92 -13.34
CA LEU A 70 0.77 -36.99 -12.75
C LEU A 70 -0.12 -38.08 -12.15
N ARG A 71 -1.23 -37.70 -11.52
CA ARG A 71 -2.11 -38.70 -10.94
C ARG A 71 -2.73 -39.57 -12.04
N ARG A 72 -3.16 -38.95 -13.14
CA ARG A 72 -3.67 -39.74 -14.27
C ARG A 72 -2.61 -40.70 -14.82
N GLU A 73 -1.36 -40.21 -14.96
CA GLU A 73 -0.33 -41.06 -15.55
C GLU A 73 0.11 -42.15 -14.60
N LEU A 74 0.07 -41.90 -13.28
CA LEU A 74 0.33 -42.96 -12.31
C LEU A 74 -0.71 -44.06 -12.41
N LEU A 75 -1.99 -43.67 -12.50
CA LEU A 75 -3.06 -44.66 -12.67
C LEU A 75 -2.85 -45.48 -13.94
N GLU A 76 -2.45 -44.81 -15.03
CA GLU A 76 -2.27 -45.49 -16.31
C GLU A 76 -1.06 -46.44 -16.28
N ALA A 77 0.02 -46.04 -15.64
CA ALA A 77 1.18 -46.92 -15.51
C ALA A 77 0.85 -48.16 -14.68
N GLN A 78 0.04 -47.99 -13.62
CA GLN A 78 -0.44 -49.14 -12.86
C GLN A 78 -1.30 -50.07 -13.72
N ARG A 79 -2.14 -49.47 -14.56
CA ARG A 79 -3.00 -50.26 -15.45
C ARG A 79 -2.16 -51.07 -16.42
N LYS A 80 -1.13 -50.44 -17.01
CA LYS A 80 -0.25 -51.14 -17.94
C LYS A 80 0.45 -52.31 -17.26
N LEU A 81 0.84 -52.13 -16.00
CA LEU A 81 1.51 -53.21 -15.29
C LEU A 81 0.57 -54.38 -15.05
N ARG A 82 -0.71 -54.10 -14.81
CA ARG A 82 -1.67 -55.19 -14.66
C ARG A 82 -1.90 -55.95 -15.96
N GLU A 83 -1.80 -55.28 -17.10
CA GLU A 83 -2.00 -55.92 -18.39
C GLU A 83 -0.72 -56.55 -18.94
N SER A 84 0.43 -56.29 -18.31
CA SER A 84 1.70 -56.82 -18.75
C SER A 84 1.82 -58.32 -18.43
N MSE B 3 -4.47 60.96 10.10
CA MSE B 3 -3.78 59.68 10.09
C MSE B 3 -4.74 58.52 9.85
O MSE B 3 -4.32 57.36 9.82
CB MSE B 3 -3.04 59.46 11.41
CG MSE B 3 -1.82 60.35 11.58
SE MSE B 3 -0.56 60.14 10.12
CE MSE B 3 -0.24 58.21 10.29
N GLU B 4 -6.03 58.83 9.66
CA GLU B 4 -7.03 57.78 9.54
C GLU B 4 -6.75 56.86 8.36
N SER B 5 -6.33 57.43 7.23
CA SER B 5 -6.16 56.62 6.03
C SER B 5 -5.00 55.63 6.21
N THR B 6 -3.93 56.05 6.89
CA THR B 6 -2.80 55.14 7.13
C THR B 6 -3.20 54.01 8.07
N VAL B 7 -3.89 54.35 9.17
CA VAL B 7 -4.39 53.33 10.09
C VAL B 7 -5.31 52.35 9.36
N ASN B 8 -6.22 52.87 8.53
CA ASN B 8 -7.13 52.01 7.79
C ASN B 8 -6.37 51.09 6.85
N ALA B 9 -5.33 51.60 6.20
CA ALA B 9 -4.56 50.78 5.27
C ALA B 9 -3.87 49.64 5.99
N LEU B 10 -3.26 49.93 7.15
CA LEU B 10 -2.59 48.88 7.91
C LEU B 10 -3.59 47.86 8.44
N THR B 11 -4.74 48.32 8.94
CA THR B 11 -5.76 47.39 9.42
C THR B 11 -6.26 46.51 8.29
N SER B 12 -6.43 47.07 7.10
CA SER B 12 -6.84 46.31 5.93
C SER B 12 -5.86 45.21 5.63
N GLU B 13 -4.56 45.53 5.66
CA GLU B 13 -3.52 44.53 5.42
C GLU B 13 -3.56 43.44 6.50
N LEU B 14 -3.73 43.83 7.77
CA LEU B 14 -3.80 42.83 8.83
C LEU B 14 -4.98 41.90 8.65
N ARG B 15 -6.13 42.44 8.29
CA ARG B 15 -7.31 41.60 8.11
C ARG B 15 -7.18 40.72 6.88
N ASP B 16 -6.54 41.22 5.82
CA ASP B 16 -6.22 40.36 4.68
C ASP B 16 -5.43 39.14 5.14
N LEU B 17 -4.38 39.38 5.94
CA LEU B 17 -3.55 38.26 6.39
C LEU B 17 -4.35 37.32 7.29
N ARG B 18 -5.23 37.86 8.13
CA ARG B 18 -6.00 36.97 9.01
C ARG B 18 -6.97 36.10 8.20
N ALA B 19 -7.61 36.67 7.17
CA ALA B 19 -8.51 35.86 6.34
C ALA B 19 -7.73 34.80 5.57
N GLN B 20 -6.59 35.20 5.01
CA GLN B 20 -5.74 34.24 4.30
C GLN B 20 -5.32 33.10 5.22
N ARG B 21 -4.96 33.41 6.46
CA ARG B 21 -4.53 32.39 7.41
C ARG B 21 -5.67 31.43 7.75
N GLU B 22 -6.87 31.97 7.98
CA GLU B 22 -8.01 31.11 8.29
C GLU B 22 -8.32 30.17 7.13
N GLU B 23 -8.30 30.69 5.91
CA GLU B 23 -8.65 29.84 4.78
C GLU B 23 -7.54 28.85 4.45
N ALA B 24 -6.27 29.25 4.61
CA ALA B 24 -5.17 28.31 4.40
C ALA B 24 -5.21 27.20 5.43
N ALA B 25 -5.60 27.52 6.66
CA ALA B 25 -5.73 26.48 7.69
C ALA B 25 -6.84 25.51 7.36
N ALA B 26 -7.97 26.00 6.84
CA ALA B 26 -9.06 25.11 6.46
C ALA B 26 -8.63 24.16 5.34
N ALA B 27 -7.96 24.72 4.31
CA ALA B 27 -7.53 23.87 3.20
C ALA B 27 -6.48 22.86 3.66
N HIS B 28 -5.59 23.28 4.55
CA HIS B 28 -4.57 22.36 5.05
C HIS B 28 -5.19 21.22 5.86
N ALA B 29 -6.19 21.53 6.69
CA ALA B 29 -6.86 20.48 7.46
C ALA B 29 -7.52 19.48 6.55
N GLN B 30 -8.16 19.96 5.47
CA GLN B 30 -8.78 19.04 4.53
C GLN B 30 -7.75 18.10 3.90
N GLU B 31 -6.61 18.66 3.46
CA GLU B 31 -5.59 17.84 2.81
C GLU B 31 -4.97 16.84 3.78
N VAL B 32 -4.72 17.26 5.03
CA VAL B 32 -4.15 16.37 6.03
C VAL B 32 -5.10 15.21 6.29
N ARG B 33 -6.39 15.50 6.47
CA ARG B 33 -7.34 14.42 6.70
C ARG B 33 -7.39 13.46 5.52
N ARG B 34 -7.35 14.00 4.29
CA ARG B 34 -7.37 13.15 3.12
C ARG B 34 -6.17 12.20 3.11
N LEU B 35 -4.99 12.72 3.38
CA LEU B 35 -3.78 11.89 3.36
C LEU B 35 -3.78 10.87 4.50
N GLN B 36 -4.30 11.26 5.67
CA GLN B 36 -4.37 10.35 6.81
C GLN B 36 -5.30 9.18 6.53
N GLU B 37 -6.46 9.47 5.92
CA GLU B 37 -7.37 8.37 5.61
C GLU B 37 -6.81 7.50 4.50
N GLN B 38 -6.11 8.11 3.54
CA GLN B 38 -5.44 7.32 2.52
C GLN B 38 -4.45 6.33 3.13
N ALA B 39 -3.66 6.77 4.09
CA ALA B 39 -2.72 5.88 4.75
C ALA B 39 -3.43 4.76 5.49
N ARG B 40 -4.47 5.12 6.27
CA ARG B 40 -5.18 4.09 7.02
C ARG B 40 -5.76 3.02 6.08
N ASP B 41 -6.30 3.45 4.94
CA ASP B 41 -6.92 2.52 4.01
C ASP B 41 -5.89 1.67 3.28
N LEU B 42 -4.76 2.27 2.86
CA LEU B 42 -3.70 1.48 2.24
C LEU B 42 -3.17 0.44 3.22
N GLY B 43 -3.05 0.80 4.49
CA GLY B 43 -2.61 -0.14 5.49
C GLY B 43 -3.60 -1.28 5.68
N LYS B 44 -4.89 -0.97 5.61
CA LYS B 44 -5.89 -2.04 5.72
C LYS B 44 -5.84 -2.96 4.50
N GLN B 45 -5.74 -2.39 3.29
CA GLN B 45 -5.60 -3.22 2.08
C GLN B 45 -4.37 -4.11 2.19
N ARG B 46 -3.27 -3.55 2.68
CA ARG B 46 -2.04 -4.31 2.83
C ARG B 46 -2.24 -5.48 3.79
N ASP B 47 -2.76 -5.22 4.98
CA ASP B 47 -2.91 -6.28 5.97
C ASP B 47 -3.86 -7.38 5.47
N SER B 48 -4.91 -6.98 4.76
CA SER B 48 -5.85 -7.95 4.19
C SER B 48 -5.17 -8.84 3.17
N CYS B 49 -4.43 -8.24 2.25
CA CYS B 49 -3.68 -9.03 1.28
C CYS B 49 -2.68 -9.95 1.97
N LEU B 50 -2.05 -9.48 3.04
CA LEU B 50 -1.11 -10.33 3.77
C LEU B 50 -1.78 -11.59 4.28
N ARG B 51 -3.02 -11.43 4.76
CA ARG B 51 -3.82 -12.59 5.27
C ARG B 51 -4.09 -13.55 4.12
N GLU B 52 -4.54 -13.03 2.97
CA GLU B 52 -4.81 -13.85 1.79
C GLU B 52 -3.56 -14.59 1.34
N ALA B 53 -2.42 -13.90 1.34
CA ALA B 53 -1.18 -14.51 0.88
C ALA B 53 -0.74 -15.63 1.80
N GLU B 54 -0.96 -15.48 3.11
CA GLU B 54 -0.66 -16.56 4.05
C GLU B 54 -1.47 -17.81 3.71
N GLU B 55 -2.75 -17.64 3.41
CA GLU B 55 -3.57 -18.82 3.07
C GLU B 55 -3.12 -19.44 1.76
N LEU B 56 -2.77 -18.62 0.77
CA LEU B 56 -2.29 -19.15 -0.50
C LEU B 56 -0.98 -19.88 -0.32
N ARG B 57 -0.10 -19.39 0.56
CA ARG B 57 1.18 -20.06 0.80
C ARG B 57 0.95 -21.41 1.45
N THR B 58 -0.01 -21.49 2.36
CA THR B 58 -0.33 -22.78 2.98
C THR B 58 -0.77 -23.77 1.91
N GLN B 59 -1.70 -23.34 1.05
CA GLN B 59 -2.18 -24.22 -0.01
CA GLN B 59 -2.19 -24.31 -0.05
C GLN B 59 -1.07 -24.61 -0.96
N LEU B 60 -0.15 -23.69 -1.26
CA LEU B 60 0.93 -24.00 -2.17
C LEU B 60 1.90 -25.01 -1.57
N ARG B 61 2.20 -24.89 -0.28
CA ARG B 61 3.08 -25.87 0.37
C ARG B 61 2.49 -27.27 0.24
N LEU B 62 1.18 -27.39 0.51
CA LEU B 62 0.54 -28.70 0.46
C LEU B 62 0.50 -29.22 -0.98
N LEU B 63 0.24 -28.33 -1.94
CA LEU B 63 0.14 -28.75 -3.33
C LEU B 63 1.50 -29.16 -3.89
N GLU B 64 2.50 -28.37 -3.56
CA GLU B 64 3.87 -28.75 -3.97
CA GLU B 64 3.89 -28.74 -3.96
C GLU B 64 4.30 -30.18 -3.49
N ASP B 65 3.92 -30.43 -2.21
CA ASP B 65 4.22 -31.73 -1.63
C ASP B 65 3.48 -32.85 -2.35
N ALA B 66 2.19 -32.63 -2.63
CA ALA B 66 1.39 -33.65 -3.33
C ALA B 66 1.92 -33.89 -4.75
N ARG B 67 2.22 -32.81 -5.47
CA ARG B 67 2.76 -32.95 -6.82
C ARG B 67 4.07 -33.74 -6.78
N ASP B 68 4.95 -33.41 -5.84
CA ASP B 68 6.22 -34.09 -5.76
C ASP B 68 6.04 -35.59 -5.49
N GLY B 69 5.10 -35.94 -4.62
CA GLY B 69 4.88 -37.36 -4.34
C GLY B 69 4.33 -38.12 -5.54
N LEU B 70 3.45 -37.48 -6.31
CA LEU B 70 2.93 -38.16 -7.50
C LEU B 70 4.01 -38.31 -8.56
N ARG B 71 4.89 -37.31 -8.70
CA ARG B 71 6.05 -37.43 -9.58
C ARG B 71 6.91 -38.63 -9.18
N ARG B 72 7.22 -38.73 -7.89
CA ARG B 72 7.99 -39.85 -7.37
C ARG B 72 7.32 -41.18 -7.71
N GLU B 73 6.02 -41.29 -7.41
CA GLU B 73 5.35 -42.57 -7.57
C GLU B 73 5.20 -42.93 -9.04
N LEU B 74 5.00 -41.95 -9.93
CA LEU B 74 4.98 -42.26 -11.35
C LEU B 74 6.33 -42.83 -11.80
N LEU B 75 7.43 -42.24 -11.34
CA LEU B 75 8.73 -42.75 -11.74
C LEU B 75 8.94 -44.19 -11.24
N GLU B 76 8.48 -44.49 -10.03
CA GLU B 76 8.59 -45.86 -9.51
C GLU B 76 7.71 -46.84 -10.32
N ALA B 77 6.49 -46.43 -10.65
CA ALA B 77 5.63 -47.27 -11.48
C ALA B 77 6.27 -47.52 -12.84
N GLN B 78 6.92 -46.51 -13.41
CA GLN B 78 7.58 -46.71 -14.69
C GLN B 78 8.77 -47.65 -14.56
N ARG B 79 9.47 -47.61 -13.43
CA ARG B 79 10.51 -48.60 -13.17
C ARG B 79 9.94 -50.01 -13.20
N LYS B 80 8.83 -50.23 -12.50
CA LYS B 80 8.22 -51.57 -12.51
C LYS B 80 7.83 -52.01 -13.91
N LEU B 81 7.33 -51.08 -14.72
CA LEU B 81 6.98 -51.41 -16.10
C LEU B 81 8.21 -51.87 -16.87
N ARG B 82 9.36 -51.20 -16.67
CA ARG B 82 10.57 -51.61 -17.37
C ARG B 82 11.03 -52.98 -16.92
N GLU B 83 11.06 -53.24 -15.62
CA GLU B 83 11.53 -54.52 -15.11
C GLU B 83 10.61 -55.67 -15.49
N SER B 84 9.34 -55.39 -15.76
CA SER B 84 8.36 -56.43 -16.05
C SER B 84 8.73 -57.18 -17.33
#